data_4OD2
#
_entry.id   4OD2
#
_cell.length_a   128.317
_cell.length_b   128.317
_cell.length_c   68.386
_cell.angle_alpha   90.00
_cell.angle_beta   90.00
_cell.angle_gamma   120.00
#
_symmetry.space_group_name_H-M   'P 6'
#
loop_
_entity.id
_entity.type
_entity.pdbx_description
1 polymer 'Fab fragment of drozitumab, light chain'
2 polymer 'Fab fragment of drozitumab, heavy chain'
3 polymer 'Tumor necrosis factor receptor superfamily member 10B'
#
loop_
_entity_poly.entity_id
_entity_poly.type
_entity_poly.pdbx_seq_one_letter_code
_entity_poly.pdbx_strand_id
1 'polypeptide(L)'
;SELTQDPAVSVALGQTVRITCSGDSLRSYYASWYQQKPGQAPVLVIYGANNRPSGIPDRFSGSSSGNTASLTITGAQAED
EADYYCNSADSSGNHVVFGGGTKLTVLGQPKAAPSVTLFPPSSEELQANKATLVCLISDFYPGAVTVAWKADSSPVKAGV
ETTTPSKQSNNKYAASSYLSLTPEQWKSHKSYSCQVTHEGSTVEKTVAPTECS
;
A
2 'polypeptide(L)'
;EVQLVQSGGGVERPGGSLRLSCAASGFTFDDYAMSWVRQAPGKGLEWVSGINWQGGSTGYADSVKGRVTISRDNAKNSLY
LQMNSLRAEDTAVYYCAKILGAGRGWYFDYWGKGTTVTVSSASTKGPSVFPLAPSSKSTSGGTAALGCLVKDYFPEPVTV
SWNSGALTSGVHTFPAVLQSSGLYSLSSVVTVPSSSLGTQTYICNVNHKPSNTKVDKKVEPKSCDKTHTAAP
;
B
3 'polypeptide(L)'
;RSSPSEGLCPPGHHISEDGRDCISCKYGQDYSTHWNDLLFCLRCTRCDSGEVELSPCTTTRNTVCQCEEGTFREEDSPEM
CRKCRTGCPRGMVKVGDCTPWSDIECVHKES
;
S
#
# COMPACT_ATOMS: atom_id res chain seq x y z
N SER A 1 -5.52 9.19 -12.39
CA SER A 1 -6.04 8.29 -11.31
C SER A 1 -5.40 6.90 -11.37
N GLU A 2 -5.66 6.10 -10.33
CA GLU A 2 -5.11 4.74 -10.13
C GLU A 2 -4.06 4.26 -11.15
N LEU A 3 -2.81 4.15 -10.72
CA LEU A 3 -1.78 3.49 -11.54
C LEU A 3 -1.40 2.09 -11.01
N THR A 4 -1.61 1.08 -11.85
CA THR A 4 -1.61 -0.31 -11.40
C THR A 4 -0.25 -0.99 -11.52
N GLN A 5 0.31 -1.40 -10.39
CA GLN A 5 1.56 -2.17 -10.41
C GLN A 5 1.36 -3.57 -9.82
N ASP A 6 1.99 -4.56 -10.43
CA ASP A 6 1.86 -5.95 -9.99
C ASP A 6 2.14 -6.08 -8.50
N PRO A 7 1.34 -6.91 -7.80
CA PRO A 7 1.41 -6.90 -6.33
C PRO A 7 2.62 -7.66 -5.79
N ALA A 8 3.25 -8.45 -6.65
CA ALA A 8 4.31 -9.37 -6.25
C ALA A 8 5.20 -9.74 -7.43
N VAL A 9 6.51 -9.52 -7.24
CA VAL A 9 7.54 -9.95 -8.19
C VAL A 9 8.66 -10.69 -7.40
N SER A 10 9.67 -11.24 -8.10
CA SER A 10 10.83 -11.84 -7.40
C SER A 10 12.15 -11.76 -8.17
N VAL A 11 13.26 -11.81 -7.42
CA VAL A 11 14.62 -11.90 -7.97
C VAL A 11 15.52 -12.88 -7.23
N ALA A 12 16.43 -13.52 -7.96
CA ALA A 12 17.51 -14.26 -7.35
C ALA A 12 18.67 -13.30 -7.08
N LEU A 13 19.08 -13.23 -5.81
CA LEU A 13 20.24 -12.43 -5.38
C LEU A 13 21.33 -12.27 -6.44
N GLY A 14 21.68 -11.03 -6.74
CA GLY A 14 22.70 -10.70 -7.73
C GLY A 14 22.13 -10.46 -9.12
N GLN A 15 20.86 -10.80 -9.31
CA GLN A 15 20.15 -10.60 -10.57
C GLN A 15 19.47 -9.22 -10.67
N THR A 16 18.85 -8.96 -11.83
CA THR A 16 18.18 -7.68 -12.08
C THR A 16 16.66 -7.83 -12.10
N VAL A 17 15.96 -6.79 -11.65
CA VAL A 17 14.50 -6.77 -11.66
C VAL A 17 13.96 -5.39 -12.05
N ARG A 18 12.91 -5.41 -12.86
CA ARG A 18 12.24 -4.18 -13.27
C ARG A 18 10.80 -4.20 -12.80
N ILE A 19 10.46 -3.20 -11.99
CA ILE A 19 9.12 -3.08 -11.44
C ILE A 19 8.41 -1.95 -12.18
N THR A 20 7.39 -2.31 -12.97
CA THR A 20 6.72 -1.35 -13.84
C THR A 20 5.41 -0.86 -13.26
N CYS A 21 5.13 0.42 -13.53
CA CYS A 21 4.00 1.10 -12.94
C CYS A 21 3.24 1.85 -14.05
N SER A 22 1.96 1.53 -14.25
CA SER A 22 1.28 1.84 -15.50
C SER A 22 0.03 2.64 -15.26
N GLY A 23 -0.08 3.80 -15.90
CA GLY A 23 -1.24 4.67 -15.69
C GLY A 23 -1.32 5.88 -16.60
N ASP A 24 -2.42 5.95 -17.37
CA ASP A 24 -2.66 6.98 -18.38
C ASP A 24 -2.40 8.45 -17.99
N SER A 25 -1.69 8.68 -16.89
CA SER A 25 -1.27 10.02 -16.52
C SER A 25 0.25 10.09 -16.50
N LEU A 26 0.88 8.91 -16.49
CA LEU A 26 2.33 8.79 -16.60
C LEU A 26 2.80 9.07 -18.03
N ARG A 27 1.83 9.48 -18.85
CA ARG A 27 2.08 10.03 -20.17
C ARG A 27 2.48 11.50 -20.04
N SER A 28 2.09 12.13 -18.95
CA SER A 28 2.34 13.56 -18.83
C SER A 28 2.79 14.05 -17.45
N TYR A 29 3.19 13.11 -16.59
CA TYR A 29 3.78 13.46 -15.30
C TYR A 29 4.87 12.45 -14.98
N TYR A 30 6.07 12.93 -14.63
CA TYR A 30 7.16 12.07 -14.22
C TYR A 30 6.78 11.24 -12.99
N ALA A 31 7.26 9.99 -12.96
CA ALA A 31 7.04 9.04 -11.86
C ALA A 31 7.72 9.44 -10.54
N SER A 32 8.09 8.44 -9.74
CA SER A 32 8.72 8.63 -8.42
C SER A 32 8.55 7.38 -7.56
N TRP A 33 9.64 6.84 -7.03
CA TRP A 33 9.53 5.58 -6.30
C TRP A 33 9.95 5.58 -4.86
N TYR A 34 9.25 4.79 -4.06
CA TYR A 34 9.58 4.61 -2.63
C TYR A 34 9.90 3.16 -2.23
N GLN A 35 10.64 3.01 -1.15
CA GLN A 35 10.94 1.69 -0.59
C GLN A 35 10.50 1.63 0.88
N GLN A 36 9.86 0.51 1.23
CA GLN A 36 9.26 0.37 2.54
C GLN A 36 9.55 -1.02 3.10
N LYS A 37 10.61 -1.07 3.91
CA LYS A 37 11.00 -2.26 4.63
C LYS A 37 10.02 -2.48 5.79
N PRO A 38 9.60 -3.75 6.02
CA PRO A 38 8.43 -4.00 6.87
C PRO A 38 8.43 -3.28 8.22
N GLY A 39 7.65 -2.21 8.29
CA GLY A 39 7.57 -1.40 9.49
C GLY A 39 8.65 -0.34 9.54
N GLN A 40 8.88 0.29 8.40
CA GLN A 40 9.64 1.54 8.35
C GLN A 40 8.82 2.60 7.61
N ALA A 41 9.17 3.86 7.81
CA ALA A 41 8.65 4.94 6.98
C ALA A 41 9.14 4.78 5.55
N PRO A 42 8.23 4.89 4.54
CA PRO A 42 8.69 4.70 3.16
C PRO A 42 9.91 5.55 2.92
N VAL A 43 10.79 5.09 2.05
CA VAL A 43 12.04 5.80 1.83
C VAL A 43 12.15 6.08 0.35
N LEU A 44 12.29 7.36 -0.02
CA LEU A 44 12.27 7.73 -1.44
C LEU A 44 13.43 7.13 -2.21
N VAL A 45 13.15 6.51 -3.35
CA VAL A 45 14.23 5.89 -4.11
C VAL A 45 14.65 6.68 -5.35
N ILE A 46 13.74 6.83 -6.32
CA ILE A 46 14.08 7.53 -7.57
C ILE A 46 13.03 8.59 -7.94
N TYR A 47 13.34 9.88 -7.80
CA TYR A 47 12.36 10.87 -8.21
C TYR A 47 12.55 11.31 -9.65
N GLY A 48 11.61 10.91 -10.51
CA GLY A 48 11.50 11.42 -11.89
C GLY A 48 12.75 11.36 -12.72
N ALA A 49 12.67 11.87 -13.96
CA ALA A 49 13.76 11.78 -14.93
C ALA A 49 14.47 10.44 -14.74
N ASN A 50 15.68 10.52 -14.21
CA ASN A 50 16.31 9.39 -13.57
C ASN A 50 17.35 9.94 -12.62
N ASN A 51 16.89 10.65 -11.60
CA ASN A 51 17.80 11.13 -10.57
C ASN A 51 17.46 10.54 -9.20
N ARG A 52 18.50 10.19 -8.45
CA ARG A 52 18.39 9.50 -7.15
C ARG A 52 19.04 10.30 -6.03
N PRO A 53 18.31 10.51 -4.91
CA PRO A 53 18.89 11.14 -3.73
C PRO A 53 20.20 10.50 -3.27
N SER A 54 21.12 11.33 -2.78
CA SER A 54 22.30 10.86 -2.07
C SER A 54 21.91 9.80 -1.02
N GLY A 55 22.60 8.68 -1.03
CA GLY A 55 22.38 7.69 0.01
C GLY A 55 21.74 6.43 -0.50
N ILE A 56 21.00 6.53 -1.60
CA ILE A 56 20.49 5.29 -2.21
C ILE A 56 21.49 4.83 -3.24
N PRO A 57 21.83 3.52 -3.19
CA PRO A 57 22.69 2.76 -4.09
C PRO A 57 22.62 3.13 -5.58
N ASP A 58 23.79 3.14 -6.20
CA ASP A 58 23.93 3.19 -7.63
C ASP A 58 22.93 2.24 -8.32
N ARG A 59 22.96 0.95 -7.94
CA ARG A 59 22.12 -0.15 -8.48
C ARG A 59 20.72 0.23 -9.02
N PHE A 60 20.07 1.17 -8.32
CA PHE A 60 18.71 1.60 -8.63
C PHE A 60 18.63 2.61 -9.80
N SER A 61 17.54 2.55 -10.58
CA SER A 61 17.37 3.32 -11.82
C SER A 61 15.92 3.45 -12.31
N GLY A 62 15.45 4.69 -12.44
CA GLY A 62 14.11 4.95 -12.94
C GLY A 62 14.09 5.26 -14.42
N SER A 63 13.02 4.83 -15.09
CA SER A 63 12.88 4.94 -16.56
C SER A 63 11.44 5.29 -16.95
N SER A 64 11.23 5.77 -18.18
CA SER A 64 9.86 6.07 -18.63
C SER A 64 9.63 6.08 -20.15
N SER A 65 8.68 5.25 -20.58
CA SER A 65 8.24 5.25 -21.96
C SER A 65 6.72 5.24 -21.93
N GLY A 66 6.10 6.12 -22.70
CA GLY A 66 4.65 6.09 -22.86
C GLY A 66 4.00 6.31 -21.53
N ASN A 67 3.04 5.46 -21.17
CA ASN A 67 2.35 5.61 -19.89
C ASN A 67 2.79 4.60 -18.84
N THR A 68 4.10 4.35 -18.82
CA THR A 68 4.71 3.41 -17.88
C THR A 68 6.01 3.96 -17.33
N ALA A 69 6.10 4.02 -16.01
CA ALA A 69 7.38 4.18 -15.33
C ALA A 69 7.89 2.81 -14.87
N SER A 70 9.20 2.69 -14.67
CA SER A 70 9.82 1.38 -14.37
C SER A 70 11.08 1.50 -13.49
N LEU A 71 10.96 1.06 -12.24
CA LEU A 71 12.10 1.02 -11.33
C LEU A 71 12.95 -0.23 -11.57
N THR A 72 14.27 -0.03 -11.67
CA THR A 72 15.16 -1.13 -12.06
C THR A 72 16.35 -1.28 -11.13
N ILE A 73 16.43 -2.46 -10.52
CA ILE A 73 17.50 -2.78 -9.59
C ILE A 73 18.45 -3.73 -10.28
N THR A 74 19.72 -3.34 -10.33
CA THR A 74 20.75 -4.19 -10.91
C THR A 74 21.53 -4.87 -9.80
N GLY A 75 21.55 -6.20 -9.85
CA GLY A 75 22.30 -7.02 -8.90
C GLY A 75 21.68 -7.02 -7.52
N ALA A 76 20.35 -7.11 -7.48
CA ALA A 76 19.59 -7.01 -6.25
C ALA A 76 20.24 -7.78 -5.09
N GLN A 77 20.65 -7.03 -4.07
CA GLN A 77 21.26 -7.60 -2.88
C GLN A 77 20.18 -8.03 -1.88
N ALA A 78 20.61 -8.68 -0.80
CA ALA A 78 19.71 -9.14 0.25
C ALA A 78 18.88 -8.00 0.85
N GLU A 79 19.49 -6.83 1.01
CA GLU A 79 18.82 -5.68 1.64
C GLU A 79 17.87 -4.92 0.71
N ASP A 80 17.19 -5.66 -0.17
CA ASP A 80 16.24 -5.09 -1.13
C ASP A 80 14.87 -5.80 -1.11
N GLU A 81 14.71 -6.78 -0.20
CA GLU A 81 13.42 -7.45 -0.04
C GLU A 81 12.47 -6.52 0.69
N ALA A 82 11.83 -5.63 -0.08
CA ALA A 82 10.97 -4.58 0.47
C ALA A 82 9.83 -4.23 -0.48
N ASP A 83 8.89 -3.42 0.00
CA ASP A 83 7.82 -2.91 -0.85
C ASP A 83 8.24 -1.65 -1.58
N TYR A 84 8.02 -1.64 -2.90
CA TYR A 84 8.26 -0.48 -3.74
C TYR A 84 6.95 -0.04 -4.38
N TYR A 85 6.60 1.22 -4.12
CA TYR A 85 5.40 1.86 -4.66
C TYR A 85 5.88 2.88 -5.67
N CYS A 86 4.95 3.41 -6.47
CA CYS A 86 5.23 4.50 -7.41
C CYS A 86 4.17 5.55 -7.22
N ASN A 87 4.44 6.78 -7.64
CA ASN A 87 3.43 7.85 -7.63
C ASN A 87 3.60 8.94 -8.66
N SER A 88 2.48 9.50 -9.12
CA SER A 88 2.48 10.74 -9.92
C SER A 88 1.36 11.63 -9.45
N ALA A 89 1.15 12.71 -10.18
CA ALA A 89 -0.08 13.44 -10.02
C ALA A 89 -1.16 12.64 -10.73
N ASP A 90 -2.42 12.92 -10.42
CA ASP A 90 -3.49 12.24 -11.12
C ASP A 90 -3.57 12.79 -12.53
N SER A 91 -4.68 12.49 -13.18
CA SER A 91 -4.86 12.85 -14.56
C SER A 91 -4.78 14.36 -14.74
N SER A 92 -5.44 15.10 -13.84
CA SER A 92 -5.41 16.55 -13.87
C SER A 92 -4.03 17.09 -13.46
N GLY A 93 -3.83 17.30 -12.17
CA GLY A 93 -2.56 17.79 -11.63
C GLY A 93 -2.62 18.06 -10.13
N ASN A 94 -3.82 18.06 -9.57
CA ASN A 94 -4.04 18.41 -8.17
C ASN A 94 -3.85 17.32 -7.14
N HIS A 95 -4.28 16.10 -7.45
CA HIS A 95 -4.13 15.02 -6.48
C HIS A 95 -2.86 14.28 -6.73
N VAL A 96 -2.43 13.50 -5.74
CA VAL A 96 -1.33 12.54 -5.90
C VAL A 96 -1.91 11.12 -5.96
N VAL A 97 -1.15 10.18 -6.50
CA VAL A 97 -1.67 8.83 -6.69
C VAL A 97 -0.55 7.83 -6.45
N PHE A 98 -0.82 6.75 -5.70
CA PHE A 98 0.19 5.71 -5.45
C PHE A 98 -0.14 4.39 -6.08
N GLY A 99 0.87 3.71 -6.54
CA GLY A 99 0.72 2.36 -7.06
C GLY A 99 0.41 1.37 -5.95
N GLY A 100 -0.35 0.34 -6.30
CA GLY A 100 -0.78 -0.67 -5.33
C GLY A 100 0.36 -1.38 -4.64
N GLY A 101 1.59 -0.97 -4.95
CA GLY A 101 2.76 -1.57 -4.34
C GLY A 101 3.11 -2.91 -4.92
N THR A 102 4.42 -3.19 -4.92
CA THR A 102 4.95 -4.48 -5.28
C THR A 102 5.78 -5.04 -4.13
N LYS A 103 5.38 -6.23 -3.69
CA LYS A 103 6.21 -7.07 -2.84
C LYS A 103 7.34 -7.68 -3.68
N LEU A 104 8.52 -7.05 -3.61
CA LEU A 104 9.73 -7.57 -4.21
C LEU A 104 10.41 -8.38 -3.15
N THR A 105 10.47 -9.69 -3.41
CA THR A 105 11.15 -10.66 -2.59
C THR A 105 12.52 -10.89 -3.18
N VAL A 106 13.51 -11.02 -2.32
CA VAL A 106 14.83 -11.45 -2.76
C VAL A 106 14.99 -12.92 -2.40
N LEU A 107 15.35 -13.74 -3.40
CA LEU A 107 15.36 -15.20 -3.25
C LEU A 107 16.50 -15.70 -2.36
N GLY A 108 16.16 -15.98 -1.11
CA GLY A 108 17.09 -16.59 -0.16
C GLY A 108 16.91 -18.09 -0.03
N GLN A 109 15.72 -18.50 0.42
CA GLN A 109 15.38 -19.91 0.58
C GLN A 109 14.65 -20.45 -0.66
N PRO A 110 14.79 -21.77 -0.94
CA PRO A 110 14.08 -22.32 -2.10
C PRO A 110 12.56 -22.35 -1.91
N LYS A 111 11.85 -22.26 -3.03
CA LYS A 111 10.40 -22.05 -3.04
C LYS A 111 9.60 -23.23 -2.48
N ALA A 112 8.58 -22.90 -1.69
CA ALA A 112 7.84 -23.88 -0.91
C ALA A 112 6.33 -23.79 -1.15
N ALA A 113 5.70 -24.94 -1.39
CA ALA A 113 4.25 -25.02 -1.56
C ALA A 113 3.51 -24.90 -0.22
N PRO A 114 2.42 -24.12 -0.18
CA PRO A 114 1.62 -23.84 1.02
C PRO A 114 0.94 -25.06 1.63
N SER A 115 0.84 -25.08 2.96
CA SER A 115 0.21 -26.19 3.69
C SER A 115 -1.17 -25.81 4.24
N VAL A 116 -2.20 -26.25 3.54
CA VAL A 116 -3.58 -25.86 3.82
C VAL A 116 -4.23 -26.85 4.78
N THR A 117 -5.02 -26.32 5.70
CA THR A 117 -5.91 -27.13 6.52
C THR A 117 -7.22 -26.38 6.71
N LEU A 118 -8.32 -26.99 6.30
CA LEU A 118 -9.63 -26.36 6.34
C LEU A 118 -10.55 -27.05 7.34
N PHE A 119 -11.25 -26.24 8.14
CA PHE A 119 -12.17 -26.75 9.16
C PHE A 119 -13.62 -26.31 8.94
N PRO A 120 -14.54 -27.28 8.84
CA PRO A 120 -15.97 -26.97 8.76
C PRO A 120 -16.48 -26.52 10.13
N PRO A 121 -17.61 -25.79 10.17
CA PRO A 121 -18.14 -25.27 11.43
C PRO A 121 -18.42 -26.35 12.47
N SER A 122 -17.99 -26.11 13.71
CA SER A 122 -18.24 -27.03 14.82
C SER A 122 -19.71 -27.00 15.25
N SER A 123 -20.22 -28.14 15.68
CA SER A 123 -21.64 -28.30 16.05
C SER A 123 -22.10 -27.28 17.09
N GLU A 124 -21.19 -26.90 18.00
CA GLU A 124 -21.48 -25.92 19.04
C GLU A 124 -21.81 -24.55 18.47
N GLU A 125 -21.10 -24.17 17.41
CA GLU A 125 -21.33 -22.89 16.73
C GLU A 125 -22.67 -22.88 16.00
N LEU A 126 -22.95 -23.96 15.27
CA LEU A 126 -24.21 -24.12 14.52
C LEU A 126 -25.44 -24.12 15.44
N GLN A 127 -25.26 -24.61 16.66
CA GLN A 127 -26.32 -24.59 17.68
C GLN A 127 -26.60 -23.18 18.18
N ALA A 128 -25.62 -22.29 18.01
CA ALA A 128 -25.79 -20.88 18.32
C ALA A 128 -26.25 -20.09 17.08
N ASN A 129 -26.69 -20.84 16.07
CA ASN A 129 -27.11 -20.29 14.76
C ASN A 129 -26.01 -19.49 14.05
N LYS A 130 -24.79 -20.01 14.11
CA LYS A 130 -23.62 -19.43 13.44
C LYS A 130 -22.91 -20.52 12.63
N ALA A 131 -22.02 -20.12 11.72
CA ALA A 131 -21.22 -21.07 10.93
C ALA A 131 -19.94 -20.44 10.38
N THR A 132 -18.79 -20.94 10.83
CA THR A 132 -17.51 -20.36 10.43
C THR A 132 -16.50 -21.40 9.95
N LEU A 133 -16.12 -21.29 8.69
CA LEU A 133 -15.07 -22.12 8.10
C LEU A 133 -13.72 -21.49 8.35
N VAL A 134 -12.73 -22.34 8.66
CA VAL A 134 -11.40 -21.88 9.00
C VAL A 134 -10.35 -22.51 8.09
N CYS A 135 -9.72 -21.69 7.26
CA CYS A 135 -8.71 -22.16 6.31
C CYS A 135 -7.32 -21.67 6.70
N LEU A 136 -6.52 -22.58 7.23
CA LEU A 136 -5.21 -22.23 7.79
C LEU A 136 -4.05 -22.66 6.90
N ILE A 137 -3.27 -21.67 6.50
CA ILE A 137 -2.17 -21.85 5.54
C ILE A 137 -0.83 -21.57 6.21
N SER A 138 0.18 -22.37 5.87
CA SER A 138 1.50 -22.29 6.50
C SER A 138 2.61 -22.80 5.58
N ASP A 139 3.86 -22.57 6.00
CA ASP A 139 5.06 -23.14 5.36
C ASP A 139 5.26 -22.82 3.87
N PHE A 140 4.86 -21.62 3.45
CA PHE A 140 5.05 -21.21 2.06
C PHE A 140 6.05 -20.07 1.87
N TYR A 141 6.85 -20.19 0.82
CA TYR A 141 7.77 -19.15 0.40
C TYR A 141 7.78 -19.13 -1.13
N PRO A 142 7.78 -17.93 -1.74
CA PRO A 142 7.72 -16.61 -1.09
C PRO A 142 6.34 -16.31 -0.50
N GLY A 143 6.29 -15.38 0.44
CA GLY A 143 5.07 -15.06 1.17
C GLY A 143 4.10 -14.11 0.51
N ALA A 144 3.48 -14.57 -0.57
CA ALA A 144 2.41 -13.83 -1.25
C ALA A 144 1.41 -14.83 -1.85
N VAL A 145 0.24 -14.97 -1.23
CA VAL A 145 -0.74 -15.96 -1.67
C VAL A 145 -2.13 -15.37 -1.93
N THR A 146 -2.81 -15.92 -2.94
CA THR A 146 -4.18 -15.54 -3.26
C THR A 146 -5.15 -16.57 -2.70
N VAL A 147 -5.96 -16.14 -1.74
CA VAL A 147 -6.93 -17.01 -1.09
C VAL A 147 -8.31 -16.74 -1.66
N ALA A 148 -8.99 -17.81 -2.08
CA ALA A 148 -10.31 -17.71 -2.67
C ALA A 148 -11.31 -18.68 -2.04
N TRP A 149 -12.56 -18.24 -1.94
CA TRP A 149 -13.63 -19.06 -1.38
C TRP A 149 -14.70 -19.37 -2.40
N LYS A 150 -15.20 -20.61 -2.34
CA LYS A 150 -16.21 -21.07 -3.29
C LYS A 150 -17.42 -21.70 -2.61
N ALA A 151 -18.61 -21.35 -3.10
CA ALA A 151 -19.84 -22.03 -2.74
C ALA A 151 -20.27 -22.89 -3.92
N ASP A 152 -20.00 -24.19 -3.81
CA ASP A 152 -20.13 -25.15 -4.91
C ASP A 152 -19.22 -24.80 -6.08
N SER A 153 -19.64 -23.79 -6.85
CA SER A 153 -18.92 -23.34 -8.03
C SER A 153 -18.76 -21.83 -8.05
N SER A 154 -19.60 -21.14 -7.28
CA SER A 154 -19.66 -19.67 -7.29
C SER A 154 -18.70 -19.04 -6.29
N PRO A 155 -17.98 -17.99 -6.73
CA PRO A 155 -17.07 -17.24 -5.86
C PRO A 155 -17.81 -16.48 -4.75
N VAL A 156 -17.31 -16.58 -3.53
CA VAL A 156 -17.92 -15.92 -2.37
C VAL A 156 -16.97 -14.84 -1.82
N LYS A 157 -17.37 -13.58 -1.97
CA LYS A 157 -16.59 -12.44 -1.46
C LYS A 157 -17.07 -12.02 -0.07
N ALA A 158 -18.38 -12.03 0.13
CA ALA A 158 -18.99 -11.62 1.40
C ALA A 158 -18.83 -12.68 2.49
N GLY A 159 -18.44 -12.23 3.69
CA GLY A 159 -18.23 -13.10 4.84
C GLY A 159 -16.78 -13.51 5.05
N VAL A 160 -15.92 -13.07 4.15
CA VAL A 160 -14.52 -13.47 4.14
C VAL A 160 -13.65 -12.47 4.89
N GLU A 161 -12.82 -12.98 5.77
CA GLU A 161 -11.73 -12.21 6.38
C GLU A 161 -10.42 -12.95 6.17
N THR A 162 -9.35 -12.21 5.89
CA THR A 162 -8.04 -12.82 5.63
C THR A 162 -6.90 -11.97 6.22
N THR A 163 -5.84 -12.65 6.65
CA THR A 163 -4.66 -11.99 7.20
C THR A 163 -3.60 -11.79 6.13
N THR A 164 -2.63 -10.93 6.42
CA THR A 164 -1.48 -10.72 5.54
C THR A 164 -0.33 -11.58 6.04
N PRO A 165 0.20 -12.45 5.17
CA PRO A 165 1.30 -13.40 5.42
C PRO A 165 2.40 -12.90 6.38
N SER A 166 2.96 -13.82 7.17
CA SER A 166 4.00 -13.47 8.14
C SER A 166 4.99 -14.61 8.38
N LYS A 167 6.23 -14.25 8.70
CA LYS A 167 7.33 -15.22 8.84
C LYS A 167 7.27 -16.10 10.10
N GLN A 168 7.29 -17.41 9.88
CA GLN A 168 7.33 -18.37 10.99
C GLN A 168 8.76 -18.52 11.54
N SER A 169 8.94 -19.48 12.45
CA SER A 169 10.27 -19.81 12.97
C SER A 169 11.15 -20.38 11.85
N ASN A 170 10.52 -21.04 10.88
CA ASN A 170 11.21 -21.64 9.75
C ASN A 170 11.53 -20.64 8.62
N ASN A 171 11.19 -19.38 8.84
CA ASN A 171 11.33 -18.30 7.84
C ASN A 171 10.29 -18.31 6.73
N LYS A 172 9.57 -19.43 6.60
CA LYS A 172 8.46 -19.54 5.66
C LYS A 172 7.25 -18.74 6.16
N TYR A 173 6.28 -18.49 5.30
CA TYR A 173 5.13 -17.68 5.66
C TYR A 173 3.90 -18.49 6.03
N ALA A 174 2.93 -17.79 6.63
CA ALA A 174 1.67 -18.40 7.06
C ALA A 174 0.56 -17.35 7.01
N ALA A 175 -0.65 -17.80 6.70
CA ALA A 175 -1.82 -16.92 6.68
C ALA A 175 -3.08 -17.68 7.05
N SER A 176 -4.07 -16.95 7.56
CA SER A 176 -5.36 -17.53 7.93
C SER A 176 -6.52 -16.81 7.23
N SER A 177 -7.56 -17.57 6.91
CA SER A 177 -8.74 -17.05 6.21
C SER A 177 -10.03 -17.63 6.77
N TYR A 178 -11.03 -16.78 6.95
CA TYR A 178 -12.28 -17.17 7.61
C TYR A 178 -13.51 -16.84 6.76
N LEU A 179 -14.45 -17.78 6.74
CA LEU A 179 -15.73 -17.58 6.05
C LEU A 179 -16.89 -17.69 7.03
N SER A 180 -17.47 -16.55 7.37
CA SER A 180 -18.65 -16.50 8.22
C SER A 180 -19.94 -16.58 7.39
N LEU A 181 -20.83 -17.48 7.78
CA LEU A 181 -22.09 -17.73 7.08
C LEU A 181 -23.23 -18.05 8.05
N THR A 182 -24.47 -17.78 7.62
CA THR A 182 -25.65 -18.26 8.34
C THR A 182 -25.80 -19.76 8.08
N PRO A 183 -26.25 -20.53 9.09
CA PRO A 183 -26.43 -21.98 8.93
C PRO A 183 -27.32 -22.36 7.74
N GLU A 184 -28.22 -21.46 7.35
CA GLU A 184 -29.07 -21.65 6.18
C GLU A 184 -28.26 -21.56 4.87
N GLN A 185 -27.23 -20.71 4.86
CA GLN A 185 -26.30 -20.61 3.73
C GLN A 185 -25.35 -21.81 3.67
N TRP A 186 -25.11 -22.42 4.84
CA TRP A 186 -24.25 -23.59 4.98
C TRP A 186 -24.86 -24.84 4.40
N LYS A 187 -26.17 -25.00 4.61
CA LYS A 187 -26.89 -26.20 4.17
C LYS A 187 -27.33 -26.14 2.71
N SER A 188 -27.47 -24.93 2.18
CA SER A 188 -27.97 -24.71 0.81
C SER A 188 -27.00 -25.16 -0.29
N HIS A 189 -25.75 -25.43 0.09
CA HIS A 189 -24.72 -25.81 -0.88
C HIS A 189 -24.14 -27.17 -0.60
N LYS A 190 -23.73 -27.86 -1.66
CA LYS A 190 -23.17 -29.21 -1.57
C LYS A 190 -21.78 -29.21 -0.93
N SER A 191 -20.97 -28.22 -1.31
CA SER A 191 -19.57 -28.17 -0.88
C SER A 191 -19.04 -26.73 -0.80
N TYR A 192 -18.08 -26.52 0.09
CA TYR A 192 -17.40 -25.24 0.22
C TYR A 192 -15.89 -25.41 0.09
N SER A 193 -15.28 -24.59 -0.77
CA SER A 193 -13.88 -24.76 -1.14
C SER A 193 -13.01 -23.56 -0.76
N CYS A 194 -11.84 -23.87 -0.21
CA CYS A 194 -10.81 -22.87 0.05
C CYS A 194 -9.65 -23.12 -0.91
N GLN A 195 -9.37 -22.13 -1.77
CA GLN A 195 -8.36 -22.27 -2.82
C GLN A 195 -7.18 -21.32 -2.63
N VAL A 196 -5.99 -21.90 -2.53
CA VAL A 196 -4.77 -21.13 -2.25
C VAL A 196 -3.81 -21.10 -3.44
N THR A 197 -3.86 -19.99 -4.19
CA THR A 197 -3.00 -19.79 -5.35
C THR A 197 -1.63 -19.25 -4.93
N HIS A 198 -0.62 -20.10 -5.07
CA HIS A 198 0.75 -19.74 -4.74
C HIS A 198 1.67 -20.03 -5.88
N GLU A 199 2.44 -19.01 -6.28
CA GLU A 199 3.34 -19.08 -7.43
C GLU A 199 2.66 -19.66 -8.66
N GLY A 200 1.40 -19.29 -8.87
CA GLY A 200 0.58 -19.86 -9.93
C GLY A 200 -0.23 -21.06 -9.47
N SER A 201 0.47 -22.08 -8.95
CA SER A 201 -0.15 -23.34 -8.49
C SER A 201 -1.14 -23.14 -7.35
N THR A 202 -2.30 -23.79 -7.47
CA THR A 202 -3.38 -23.64 -6.49
C THR A 202 -3.65 -24.94 -5.73
N VAL A 203 -3.62 -24.85 -4.41
CA VAL A 203 -3.97 -25.98 -3.54
C VAL A 203 -5.39 -25.79 -3.00
N GLU A 204 -6.20 -26.83 -3.15
CA GLU A 204 -7.63 -26.77 -2.83
C GLU A 204 -8.04 -27.80 -1.77
N LYS A 205 -8.75 -27.33 -0.75
CA LYS A 205 -9.38 -28.20 0.24
C LYS A 205 -10.89 -27.95 0.27
N THR A 206 -11.66 -29.01 0.45
CA THR A 206 -13.12 -28.93 0.37
C THR A 206 -13.80 -29.57 1.58
N VAL A 207 -14.91 -28.98 2.01
CA VAL A 207 -15.76 -29.54 3.08
C VAL A 207 -17.24 -29.51 2.69
N ALA A 208 -18.00 -30.48 3.19
CA ALA A 208 -19.41 -30.65 2.81
C ALA A 208 -20.33 -30.74 4.02
N PRO A 209 -21.60 -30.25 3.87
CA PRO A 209 -22.62 -30.41 4.92
C PRO A 209 -22.98 -31.86 5.18
N GLU B 1 21.05 17.39 9.30
CA GLU B 1 20.04 16.68 8.46
C GLU B 1 18.62 16.84 8.98
N VAL B 2 17.68 16.56 8.08
CA VAL B 2 16.25 16.64 8.33
C VAL B 2 15.84 15.77 9.52
N GLN B 3 14.89 16.29 10.30
CA GLN B 3 14.20 15.52 11.30
C GLN B 3 12.71 15.84 11.26
N LEU B 4 11.88 14.83 11.48
CA LEU B 4 10.44 15.01 11.53
C LEU B 4 9.78 14.25 12.68
N VAL B 5 9.22 14.98 13.64
CA VAL B 5 8.57 14.30 14.75
C VAL B 5 7.06 14.38 14.62
N GLN B 6 6.44 13.24 14.34
CA GLN B 6 4.99 13.14 14.41
C GLN B 6 4.65 12.87 15.85
N SER B 7 3.35 12.72 16.10
CA SER B 7 2.91 12.35 17.43
C SER B 7 1.41 12.33 17.61
N GLY B 8 0.98 11.44 18.50
CA GLY B 8 -0.39 11.44 19.03
C GLY B 8 -1.21 10.22 18.66
N GLY B 9 -0.57 9.06 18.60
CA GLY B 9 -1.25 7.80 18.28
C GLY B 9 -2.58 7.66 19.00
N GLY B 10 -3.67 7.97 18.29
CA GLY B 10 -4.99 8.08 18.93
C GLY B 10 -6.02 6.99 18.65
N VAL B 11 -6.70 6.55 19.71
CA VAL B 11 -7.86 5.68 19.55
C VAL B 11 -9.10 6.56 19.71
N GLU B 12 -9.98 6.49 18.72
CA GLU B 12 -11.11 7.41 18.62
C GLU B 12 -12.31 6.70 18.01
N ARG B 13 -13.50 7.03 18.52
CA ARG B 13 -14.75 6.49 17.97
C ARG B 13 -15.16 7.20 16.67
N PRO B 14 -15.83 6.49 15.75
CA PRO B 14 -16.29 7.12 14.49
C PRO B 14 -17.09 8.38 14.74
N GLY B 15 -16.84 9.38 13.91
CA GLY B 15 -17.50 10.67 14.03
C GLY B 15 -16.73 11.62 14.92
N GLY B 16 -15.60 11.16 15.45
CA GLY B 16 -14.80 11.93 16.40
C GLY B 16 -13.68 12.72 15.75
N SER B 17 -12.98 13.54 16.55
CA SER B 17 -11.94 14.43 16.05
C SER B 17 -10.54 14.14 16.58
N LEU B 18 -9.55 14.26 15.69
CA LEU B 18 -8.10 14.25 16.02
C LEU B 18 -7.38 15.44 15.39
N ARG B 19 -6.19 15.74 15.89
CA ARG B 19 -5.33 16.75 15.29
C ARG B 19 -3.92 16.23 15.22
N LEU B 20 -3.62 15.49 14.16
CA LEU B 20 -2.25 15.07 13.90
C LEU B 20 -1.37 16.30 13.75
N SER B 21 -0.24 16.28 14.46
CA SER B 21 0.75 17.33 14.41
C SER B 21 2.10 16.74 14.00
N CYS B 22 2.80 17.45 13.13
CA CYS B 22 4.15 17.09 12.75
C CYS B 22 5.05 18.30 12.97
N ALA B 23 6.17 18.09 13.67
CA ALA B 23 7.17 19.14 13.77
C ALA B 23 8.43 18.72 13.03
N ALA B 24 9.14 19.71 12.51
CA ALA B 24 10.30 19.49 11.67
C ALA B 24 11.47 20.40 12.00
N SER B 25 12.66 19.81 11.96
CA SER B 25 13.88 20.44 12.38
C SER B 25 14.94 20.04 11.39
N GLY B 26 16.04 20.78 11.36
CA GLY B 26 17.24 20.37 10.61
C GLY B 26 17.24 20.73 9.13
N PHE B 27 16.25 21.51 8.71
CA PHE B 27 16.16 22.09 7.38
C PHE B 27 15.26 23.32 7.45
N THR B 28 15.39 24.29 6.54
CA THR B 28 14.45 25.40 6.58
C THR B 28 13.09 24.83 6.24
N PHE B 29 12.11 25.04 7.11
CA PHE B 29 10.78 24.41 6.96
C PHE B 29 9.89 25.18 5.98
N ASP B 30 9.94 26.50 6.03
CA ASP B 30 9.06 27.30 5.18
C ASP B 30 9.56 27.35 3.73
N ASP B 31 10.70 26.71 3.46
CA ASP B 31 11.15 26.61 2.10
C ASP B 31 10.44 25.50 1.33
N TYR B 32 9.77 24.60 2.03
CA TYR B 32 9.34 23.35 1.42
C TYR B 32 7.88 22.96 1.60
N ALA B 33 7.34 22.29 0.62
CA ALA B 33 5.97 21.83 0.71
C ALA B 33 5.86 20.53 1.54
N MET B 34 4.66 20.32 2.10
CA MET B 34 4.39 19.19 2.96
C MET B 34 3.19 18.36 2.50
N SER B 35 3.04 17.19 3.08
CA SER B 35 1.91 16.33 2.78
C SER B 35 1.80 15.20 3.77
N TRP B 36 0.55 14.74 3.94
CA TRP B 36 0.21 13.59 4.77
C TRP B 36 -0.14 12.48 3.84
N VAL B 37 0.31 11.29 4.20
CA VAL B 37 0.21 10.12 3.38
C VAL B 37 0.04 9.00 4.37
N ARG B 38 -0.95 8.13 4.16
CA ARG B 38 -1.26 7.16 5.20
C ARG B 38 -0.95 5.71 4.84
N GLN B 39 -1.44 4.78 5.65
CA GLN B 39 -1.38 3.38 5.26
C GLN B 39 -2.09 2.51 6.27
N ALA B 40 -3.22 1.94 5.85
CA ALA B 40 -3.95 0.98 6.67
C ALA B 40 -3.18 -0.33 6.78
N PRO B 41 -3.44 -1.11 7.86
CA PRO B 41 -2.77 -2.37 8.13
C PRO B 41 -2.52 -3.22 6.90
N GLY B 42 -1.23 -3.41 6.58
CA GLY B 42 -0.78 -4.24 5.46
C GLY B 42 -1.52 -4.09 4.15
N LYS B 43 -1.81 -2.85 3.76
CA LYS B 43 -2.52 -2.59 2.51
C LYS B 43 -2.16 -1.25 1.89
N GLY B 44 -1.04 -1.23 1.17
CA GLY B 44 -0.63 -0.08 0.32
C GLY B 44 -0.70 1.32 0.88
N LEU B 45 0.14 2.21 0.34
CA LEU B 45 0.20 3.64 0.78
C LEU B 45 -0.92 4.44 0.17
N GLU B 46 -1.40 5.45 0.88
CA GLU B 46 -2.42 6.35 0.32
C GLU B 46 -2.29 7.82 0.68
N TRP B 47 -2.09 8.64 -0.35
CA TRP B 47 -1.96 10.11 -0.19
C TRP B 47 -3.15 10.75 0.46
N VAL B 48 -2.93 11.49 1.55
CA VAL B 48 -4.04 12.16 2.22
C VAL B 48 -4.26 13.61 1.79
N SER B 49 -3.29 14.47 2.07
CA SER B 49 -3.44 15.90 1.78
C SER B 49 -2.11 16.63 1.54
N GLY B 50 -2.13 17.68 0.73
CA GLY B 50 -0.90 18.41 0.47
C GLY B 50 -0.96 19.90 0.81
N ILE B 51 0.16 20.43 1.27
CA ILE B 51 0.28 21.87 1.46
C ILE B 51 1.52 22.53 0.86
N ASN B 52 1.29 23.76 0.41
CA ASN B 52 2.27 24.66 -0.16
C ASN B 52 3.25 25.14 0.90
N TRP B 53 4.43 25.59 0.50
CA TRP B 53 5.33 26.20 1.48
C TRP B 53 4.63 27.27 2.31
N GLN B 54 4.00 28.24 1.64
CA GLN B 54 3.32 29.37 2.31
C GLN B 54 2.03 28.98 3.03
N GLY B 55 1.27 28.06 2.44
CA GLY B 55 0.01 27.60 3.03
C GLY B 55 -1.17 27.81 2.13
N GLY B 56 -0.91 28.28 0.92
CA GLY B 56 -1.94 28.64 -0.04
C GLY B 56 -2.56 27.43 -0.70
N SER B 57 -1.73 26.69 -1.45
CA SER B 57 -2.12 25.41 -2.04
C SER B 57 -2.38 24.33 -1.00
N THR B 58 -3.55 23.72 -1.12
CA THR B 58 -3.99 22.68 -0.22
C THR B 58 -4.77 21.63 -1.00
N GLY B 59 -4.27 20.39 -1.00
CA GLY B 59 -4.87 19.32 -1.79
C GLY B 59 -5.36 18.20 -0.89
N TYR B 60 -6.52 17.64 -1.23
CA TYR B 60 -7.13 16.58 -0.42
C TYR B 60 -7.68 15.46 -1.28
N ALA B 61 -7.34 14.23 -0.89
CA ALA B 61 -7.85 13.05 -1.54
C ALA B 61 -9.36 12.92 -1.36
N ASP B 62 -10.05 12.67 -2.47
CA ASP B 62 -11.51 12.49 -2.51
C ASP B 62 -12.02 11.75 -1.28
N SER B 63 -11.35 10.66 -0.92
CA SER B 63 -11.75 9.82 0.21
C SER B 63 -11.82 10.60 1.54
N VAL B 64 -11.11 11.73 1.63
CA VAL B 64 -11.19 12.57 2.83
C VAL B 64 -11.72 13.98 2.63
N LYS B 65 -11.77 14.45 1.38
CA LYS B 65 -12.07 15.87 1.11
C LYS B 65 -13.24 16.32 1.97
N GLY B 66 -13.14 17.51 2.55
CA GLY B 66 -14.21 18.06 3.40
C GLY B 66 -14.21 17.59 4.85
N ARG B 67 -13.69 16.37 5.09
CA ARG B 67 -13.63 15.78 6.43
C ARG B 67 -12.41 16.21 7.26
N VAL B 68 -11.22 16.04 6.70
CA VAL B 68 -9.99 16.54 7.30
C VAL B 68 -9.64 17.97 6.82
N THR B 69 -8.64 18.59 7.43
CA THR B 69 -8.14 19.91 7.00
C THR B 69 -6.64 19.99 7.24
N ILE B 70 -5.92 20.72 6.38
CA ILE B 70 -4.46 20.80 6.50
C ILE B 70 -3.96 22.23 6.68
N SER B 71 -2.92 22.40 7.48
CA SER B 71 -2.39 23.73 7.78
C SER B 71 -1.01 23.66 8.42
N ARG B 72 -0.17 24.62 8.08
CA ARG B 72 1.17 24.74 8.64
C ARG B 72 1.37 26.06 9.39
N ASP B 73 2.16 26.02 10.46
CA ASP B 73 2.54 27.22 11.19
C ASP B 73 4.05 27.39 11.04
N ASN B 74 4.45 28.06 9.97
CA ASN B 74 5.88 28.22 9.65
C ASN B 74 6.66 28.92 10.78
N ALA B 75 5.92 29.51 11.71
CA ALA B 75 6.51 30.15 12.86
C ALA B 75 6.98 29.10 13.86
N LYS B 76 6.34 27.94 13.87
CA LYS B 76 6.71 26.87 14.81
C LYS B 76 7.21 25.63 14.09
N ASN B 77 7.72 25.80 12.87
CA ASN B 77 8.10 24.66 12.00
C ASN B 77 7.16 23.47 12.14
N SER B 78 5.85 23.74 12.23
CA SER B 78 4.84 22.69 12.40
C SER B 78 3.90 22.56 11.23
N LEU B 79 3.35 21.36 11.05
CA LEU B 79 2.33 21.07 10.04
C LEU B 79 1.26 20.19 10.64
N TYR B 80 0.00 20.62 10.58
CA TYR B 80 -1.10 19.84 11.15
C TYR B 80 -2.07 19.29 10.11
N LEU B 81 -2.80 18.26 10.55
CA LEU B 81 -3.98 17.76 9.87
C LEU B 81 -5.08 17.54 10.91
N GLN B 82 -6.04 18.47 10.97
CA GLN B 82 -7.23 18.30 11.78
C GLN B 82 -8.12 17.27 11.12
N MET B 83 -8.57 16.28 11.87
CA MET B 83 -9.57 15.36 11.36
C MET B 83 -10.94 15.61 11.98
N ASN B 84 -11.99 15.58 11.17
CA ASN B 84 -13.37 15.70 11.64
C ASN B 84 -14.27 14.62 11.07
N SER B 85 -15.17 14.09 11.89
CA SER B 85 -16.00 12.92 11.56
C SER B 85 -15.19 11.80 10.92
N LEU B 86 -14.45 11.08 11.76
CA LEU B 86 -13.67 9.91 11.37
C LEU B 86 -14.52 8.81 10.74
N ARG B 87 -13.87 7.98 9.94
CA ARG B 87 -14.49 6.82 9.34
C ARG B 87 -13.74 5.57 9.81
N ALA B 88 -14.43 4.44 9.86
CA ALA B 88 -13.81 3.17 10.22
C ALA B 88 -12.74 2.75 9.21
N GLU B 89 -12.75 3.42 8.07
CA GLU B 89 -11.79 3.14 7.01
C GLU B 89 -10.61 4.11 7.09
N ASP B 90 -10.66 5.06 8.02
CA ASP B 90 -9.53 5.95 8.33
C ASP B 90 -8.54 5.30 9.27
N THR B 91 -8.83 4.07 9.68
CA THR B 91 -7.89 3.24 10.41
C THR B 91 -6.63 3.18 9.57
N ALA B 92 -5.62 3.91 9.99
CA ALA B 92 -4.32 3.86 9.36
C ALA B 92 -3.18 4.41 10.23
N VAL B 93 -1.96 4.21 9.73
CA VAL B 93 -0.75 4.85 10.22
C VAL B 93 -0.65 6.11 9.37
N TYR B 94 -0.26 7.24 9.97
CA TYR B 94 -0.19 8.46 9.19
C TYR B 94 1.22 9.01 9.23
N TYR B 95 1.83 9.17 8.05
CA TYR B 95 3.15 9.75 7.93
C TYR B 95 3.03 11.18 7.44
N CYS B 96 3.59 12.12 8.19
CA CYS B 96 3.75 13.47 7.66
C CYS B 96 4.97 13.31 6.77
N ALA B 97 4.95 13.95 5.60
CA ALA B 97 6.09 13.85 4.68
C ALA B 97 6.47 15.18 4.02
N LYS B 98 7.77 15.49 4.05
CA LYS B 98 8.38 16.60 3.34
C LYS B 98 8.38 16.41 1.80
N ILE B 99 7.69 17.30 1.07
CA ILE B 99 7.79 17.24 -0.40
C ILE B 99 9.06 17.98 -0.73
N LEU B 100 9.79 17.48 -1.72
CA LEU B 100 11.12 17.99 -2.07
C LEU B 100 11.19 19.47 -2.48
N GLY B 101 10.16 19.97 -3.12
CA GLY B 101 10.18 21.35 -3.57
C GLY B 101 9.44 22.32 -2.66
N ALA B 102 9.36 23.57 -3.11
CA ALA B 102 8.61 24.60 -2.39
C ALA B 102 7.13 24.53 -2.75
N GLY B 103 6.87 24.00 -3.95
CA GLY B 103 5.51 23.88 -4.46
C GLY B 103 4.88 22.55 -4.06
N ARG B 104 3.56 22.50 -4.14
CA ARG B 104 2.77 21.35 -3.71
C ARG B 104 3.05 20.13 -4.62
N GLY B 105 3.50 18.99 -4.10
CA GLY B 105 3.95 17.92 -5.02
C GLY B 105 4.00 16.45 -4.60
N TRP B 106 4.68 15.63 -5.39
CA TRP B 106 4.64 14.17 -5.14
C TRP B 106 5.97 13.44 -5.02
N TYR B 107 6.95 14.08 -4.39
CA TYR B 107 8.28 13.53 -4.25
C TYR B 107 8.57 13.71 -2.78
N PHE B 108 8.23 12.71 -1.98
CA PHE B 108 8.41 12.88 -0.56
C PHE B 108 9.76 12.34 -0.19
N ASP B 109 10.76 13.24 -0.18
CA ASP B 109 12.15 12.88 0.09
C ASP B 109 12.40 12.55 1.55
N TYR B 110 11.51 12.98 2.45
CA TYR B 110 11.53 12.54 3.86
C TYR B 110 10.18 12.11 4.43
N TRP B 111 10.24 11.11 5.29
CA TRP B 111 9.07 10.49 5.89
C TRP B 111 9.21 10.36 7.38
N GLY B 112 8.33 11.05 8.12
CA GLY B 112 8.30 10.87 9.56
C GLY B 112 8.11 9.42 9.97
N LYS B 113 8.22 9.13 11.26
CA LYS B 113 8.02 7.77 11.79
C LYS B 113 6.58 7.32 11.69
N GLY B 114 5.68 8.29 11.60
CA GLY B 114 4.27 8.03 11.37
C GLY B 114 3.46 7.64 12.60
N THR B 115 2.34 8.35 12.79
CA THR B 115 1.47 8.13 13.93
C THR B 115 0.31 7.18 13.60
N THR B 116 0.03 6.25 14.50
CA THR B 116 -1.04 5.27 14.31
C THR B 116 -2.40 5.82 14.79
N VAL B 117 -3.40 5.74 13.92
CA VAL B 117 -4.76 6.18 14.26
C VAL B 117 -5.77 5.05 14.06
N THR B 118 -6.52 4.73 15.11
CA THR B 118 -7.49 3.63 15.05
C THR B 118 -8.92 4.10 15.28
N VAL B 119 -9.79 3.73 14.34
CA VAL B 119 -11.19 4.12 14.36
C VAL B 119 -12.05 2.86 14.38
N SER B 120 -12.71 2.65 15.51
CA SER B 120 -13.54 1.46 15.72
C SER B 120 -14.86 1.81 16.38
N SER B 121 -15.92 1.28 15.78
CA SER B 121 -17.27 1.40 16.29
C SER B 121 -17.34 0.64 17.60
N ALA B 122 -16.72 -0.54 17.62
CA ALA B 122 -16.84 -1.52 18.68
C ALA B 122 -16.42 -1.07 20.08
N SER B 123 -16.92 -1.78 21.08
CA SER B 123 -16.50 -1.62 22.47
C SER B 123 -15.86 -2.91 22.97
N THR B 124 -15.17 -2.82 24.11
CA THR B 124 -14.49 -3.97 24.72
C THR B 124 -15.41 -5.19 24.75
N LYS B 125 -14.92 -6.31 24.25
CA LYS B 125 -15.67 -7.56 24.25
C LYS B 125 -14.77 -8.74 24.58
N GLY B 126 -15.26 -9.63 25.43
CA GLY B 126 -14.61 -10.90 25.70
C GLY B 126 -14.85 -11.86 24.55
N PRO B 127 -13.97 -12.87 24.38
CA PRO B 127 -14.12 -13.83 23.29
C PRO B 127 -15.18 -14.89 23.57
N SER B 128 -15.74 -15.43 22.50
CA SER B 128 -16.60 -16.61 22.56
C SER B 128 -15.85 -17.79 21.96
N VAL B 129 -15.24 -18.60 22.82
CA VAL B 129 -14.32 -19.66 22.38
C VAL B 129 -15.04 -20.97 22.03
N PHE B 130 -14.95 -21.34 20.76
CA PHE B 130 -15.48 -22.62 20.27
C PHE B 130 -14.33 -23.61 20.06
N PRO B 131 -14.53 -24.87 20.47
CA PRO B 131 -13.49 -25.88 20.24
C PRO B 131 -13.47 -26.40 18.80
N LEU B 132 -12.29 -26.74 18.32
CA LEU B 132 -12.10 -27.20 16.93
C LEU B 132 -11.80 -28.70 16.88
N ALA B 133 -12.82 -29.51 17.12
CA ALA B 133 -12.70 -30.96 17.29
C ALA B 133 -12.02 -31.71 16.13
N PRO B 134 -11.37 -32.86 16.43
CA PRO B 134 -10.81 -33.71 15.39
C PRO B 134 -11.76 -34.84 14.97
N THR B 143 -1.70 -38.65 12.63
CA THR B 143 -1.61 -37.46 13.48
C THR B 143 -2.87 -36.60 13.33
N ALA B 144 -3.50 -36.29 14.45
CA ALA B 144 -4.73 -35.50 14.47
C ALA B 144 -4.44 -34.01 14.65
N ALA B 145 -5.42 -33.17 14.32
CA ALA B 145 -5.30 -31.73 14.51
C ALA B 145 -6.56 -31.14 15.14
N LEU B 146 -6.40 -30.59 16.33
CA LEU B 146 -7.49 -29.90 17.03
C LEU B 146 -7.04 -28.49 17.44
N GLY B 147 -7.99 -27.65 17.81
CA GLY B 147 -7.68 -26.29 18.24
C GLY B 147 -8.79 -25.52 18.91
N CYS B 148 -8.63 -24.20 18.95
CA CYS B 148 -9.61 -23.30 19.58
C CYS B 148 -9.81 -22.05 18.73
N LEU B 149 -11.07 -21.83 18.33
CA LEU B 149 -11.44 -20.62 17.63
C LEU B 149 -11.77 -19.54 18.65
N VAL B 150 -10.95 -18.48 18.68
CA VAL B 150 -11.12 -17.39 19.61
C VAL B 150 -11.90 -16.26 18.93
N LYS B 151 -13.23 -16.42 18.89
CA LYS B 151 -14.08 -15.59 18.03
C LYS B 151 -14.67 -14.35 18.69
N ASP B 152 -14.59 -13.24 17.96
CA ASP B 152 -15.22 -11.95 18.31
C ASP B 152 -14.83 -11.37 19.65
N TYR B 153 -13.68 -10.71 19.68
CA TYR B 153 -13.18 -10.02 20.87
C TYR B 153 -12.55 -8.68 20.51
N PHE B 154 -12.54 -7.77 21.49
CA PHE B 154 -11.96 -6.44 21.33
C PHE B 154 -11.53 -5.91 22.70
N PRO B 155 -10.37 -5.24 22.76
CA PRO B 155 -9.42 -5.07 21.66
C PRO B 155 -8.30 -6.10 21.69
N GLU B 156 -7.14 -5.73 21.14
CA GLU B 156 -5.95 -6.58 21.07
C GLU B 156 -5.07 -6.35 22.31
N PRO B 157 -4.32 -7.39 22.75
CA PRO B 157 -4.21 -8.75 22.25
C PRO B 157 -4.91 -9.80 23.12
N VAL B 158 -4.57 -11.06 22.88
CA VAL B 158 -5.07 -12.18 23.69
C VAL B 158 -3.98 -13.25 23.82
N THR B 159 -3.96 -13.94 24.96
CA THR B 159 -2.96 -14.99 25.22
C THR B 159 -3.61 -16.37 25.13
N VAL B 160 -3.06 -17.22 24.28
CA VAL B 160 -3.52 -18.60 24.17
C VAL B 160 -2.45 -19.55 24.71
N SER B 161 -2.91 -20.56 25.45
CA SER B 161 -2.04 -21.61 25.97
C SER B 161 -2.77 -22.95 25.95
N TRP B 162 -2.12 -24.00 26.42
CA TRP B 162 -2.68 -25.35 26.40
C TRP B 162 -2.39 -26.16 27.64
N ASN B 163 -3.43 -26.81 28.16
CA ASN B 163 -3.35 -27.66 29.36
C ASN B 163 -2.69 -26.98 30.57
N SER B 164 -3.11 -25.74 30.83
CA SER B 164 -2.52 -24.87 31.86
C SER B 164 -1.10 -24.43 31.51
N GLY B 165 -0.78 -24.45 30.22
CA GLY B 165 0.55 -24.08 29.73
C GLY B 165 1.52 -25.26 29.65
N ALA B 166 1.03 -26.44 30.03
CA ALA B 166 1.86 -27.66 30.13
C ALA B 166 2.26 -28.26 28.78
N LEU B 167 1.61 -27.80 27.70
CA LEU B 167 1.97 -28.23 26.35
C LEU B 167 2.42 -27.04 25.50
N THR B 168 3.60 -27.17 24.90
CA THR B 168 4.19 -26.13 24.03
C THR B 168 4.73 -26.72 22.72
N SER B 169 4.55 -28.01 22.53
CA SER B 169 4.97 -28.71 21.31
C SER B 169 3.80 -28.93 20.35
N GLY B 170 3.99 -28.54 19.09
CA GLY B 170 2.94 -28.61 18.07
C GLY B 170 1.98 -27.43 18.08
N VAL B 171 2.17 -26.52 19.04
CA VAL B 171 1.29 -25.37 19.26
C VAL B 171 1.57 -24.28 18.22
N HIS B 172 0.51 -23.82 17.56
CA HIS B 172 0.61 -22.68 16.65
C HIS B 172 -0.58 -21.78 16.76
N THR B 173 -0.31 -20.53 17.14
CA THR B 173 -1.33 -19.49 17.23
C THR B 173 -1.19 -18.56 16.02
N PHE B 174 -2.28 -18.39 15.28
CA PHE B 174 -2.28 -17.52 14.12
C PHE B 174 -2.64 -16.09 14.53
N PRO B 175 -2.05 -15.08 13.85
CA PRO B 175 -2.40 -13.69 14.11
C PRO B 175 -3.88 -13.41 13.83
N ALA B 176 -4.49 -12.61 14.69
CA ALA B 176 -5.91 -12.33 14.62
C ALA B 176 -6.28 -11.39 13.48
N VAL B 177 -7.47 -11.62 12.91
CA VAL B 177 -7.99 -10.75 11.85
C VAL B 177 -9.12 -9.86 12.37
N LEU B 178 -8.98 -8.55 12.15
CA LEU B 178 -10.07 -7.63 12.42
C LEU B 178 -11.17 -7.92 11.41
N GLN B 179 -12.38 -8.10 11.89
CA GLN B 179 -13.53 -8.35 11.01
C GLN B 179 -14.15 -7.03 10.60
N SER B 180 -15.03 -7.09 9.59
CA SER B 180 -15.82 -5.94 9.15
C SER B 180 -16.71 -5.44 10.29
N SER B 181 -17.00 -6.33 11.23
CA SER B 181 -17.75 -6.01 12.44
C SER B 181 -16.90 -5.22 13.44
N GLY B 182 -15.57 -5.30 13.30
CA GLY B 182 -14.65 -4.57 14.17
C GLY B 182 -14.31 -5.37 15.42
N LEU B 183 -14.52 -6.68 15.35
CA LEU B 183 -14.21 -7.58 16.47
C LEU B 183 -13.23 -8.66 16.00
N TYR B 184 -12.11 -8.77 16.71
CA TYR B 184 -11.01 -9.66 16.31
C TYR B 184 -11.34 -11.13 16.46
N SER B 185 -10.61 -11.97 15.72
CA SER B 185 -10.75 -13.42 15.78
C SER B 185 -9.45 -14.10 15.38
N LEU B 186 -9.03 -15.09 16.15
CA LEU B 186 -7.84 -15.88 15.84
C LEU B 186 -8.03 -17.36 16.14
N SER B 187 -7.12 -18.16 15.60
CA SER B 187 -7.11 -19.59 15.89
C SER B 187 -5.75 -20.04 16.40
N SER B 188 -5.78 -20.99 17.33
CA SER B 188 -4.59 -21.72 17.75
C SER B 188 -4.84 -23.20 17.50
N VAL B 189 -3.98 -23.80 16.69
CA VAL B 189 -4.13 -25.21 16.32
C VAL B 189 -2.92 -26.03 16.77
N VAL B 190 -3.18 -27.06 17.57
CA VAL B 190 -2.15 -27.97 18.02
C VAL B 190 -2.22 -29.32 17.29
N THR B 191 -1.06 -29.91 17.03
CA THR B 191 -0.96 -31.20 16.39
C THR B 191 -0.61 -32.24 17.46
N VAL B 192 -1.43 -33.29 17.56
CA VAL B 192 -1.27 -34.35 18.57
C VAL B 192 -1.39 -35.74 17.95
N PRO B 193 -0.78 -36.78 18.58
CA PRO B 193 -0.94 -38.16 18.09
C PRO B 193 -2.38 -38.68 18.16
N SER B 194 -2.67 -39.69 17.34
CA SER B 194 -4.00 -40.32 17.31
C SER B 194 -4.29 -41.12 18.58
N SER B 195 -3.23 -41.60 19.23
CA SER B 195 -3.33 -42.36 20.47
C SER B 195 -3.67 -41.47 21.68
N SER B 196 -3.41 -40.18 21.54
CA SER B 196 -3.62 -39.20 22.62
C SER B 196 -5.09 -38.86 22.86
N LEU B 197 -5.92 -39.12 21.85
CA LEU B 197 -7.35 -38.82 21.91
C LEU B 197 -8.12 -39.77 22.85
N GLY B 198 -7.44 -40.80 23.35
CA GLY B 198 -8.04 -41.75 24.27
C GLY B 198 -7.40 -41.76 25.65
N THR B 199 -6.23 -41.13 25.78
CA THR B 199 -5.48 -41.11 27.04
C THR B 199 -5.22 -39.70 27.59
N GLN B 200 -5.49 -38.67 26.80
CA GLN B 200 -5.21 -37.29 27.18
C GLN B 200 -6.40 -36.34 27.09
N THR B 201 -6.40 -35.34 27.98
CA THR B 201 -7.39 -34.27 27.98
C THR B 201 -6.77 -33.03 27.32
N TYR B 202 -7.56 -32.32 26.52
CA TYR B 202 -7.05 -31.12 25.83
C TYR B 202 -7.91 -29.88 26.03
N ILE B 203 -7.43 -29.01 26.94
CA ILE B 203 -8.07 -27.73 27.24
C ILE B 203 -7.17 -26.56 26.85
N CYS B 204 -7.74 -25.54 26.20
CA CYS B 204 -6.98 -24.33 25.88
C CYS B 204 -7.32 -23.21 26.87
N ASN B 205 -6.30 -22.42 27.22
CA ASN B 205 -6.47 -21.29 28.14
C ASN B 205 -6.49 -19.98 27.39
N VAL B 206 -7.67 -19.37 27.34
CA VAL B 206 -7.83 -18.07 26.67
C VAL B 206 -8.04 -16.98 27.71
N ASN B 207 -7.08 -16.06 27.78
CA ASN B 207 -7.16 -14.95 28.71
C ASN B 207 -7.14 -13.60 28.00
N HIS B 208 -8.26 -12.90 28.08
CA HIS B 208 -8.40 -11.55 27.53
C HIS B 208 -8.45 -10.57 28.65
N LYS B 209 -7.29 -9.98 28.96
CA LYS B 209 -7.12 -9.09 30.10
C LYS B 209 -7.91 -7.77 30.04
N PRO B 210 -8.00 -7.14 28.85
CA PRO B 210 -8.78 -5.89 28.75
C PRO B 210 -10.26 -6.02 29.15
N SER B 211 -10.81 -7.23 29.04
CA SER B 211 -12.18 -7.49 29.44
C SER B 211 -12.26 -8.41 30.67
N ASN B 212 -11.11 -8.72 31.24
CA ASN B 212 -10.99 -9.60 32.41
C ASN B 212 -11.67 -10.96 32.23
N THR B 213 -11.27 -11.68 31.17
CA THR B 213 -11.91 -12.95 30.83
C THR B 213 -10.91 -14.11 30.86
N LYS B 214 -11.29 -15.17 31.55
CA LYS B 214 -10.52 -16.43 31.55
C LYS B 214 -11.46 -17.58 31.21
N VAL B 215 -11.30 -18.13 30.01
CA VAL B 215 -12.13 -19.26 29.56
C VAL B 215 -11.26 -20.49 29.29
N ASP B 216 -11.64 -21.61 29.91
CA ASP B 216 -10.94 -22.88 29.70
C ASP B 216 -11.85 -23.88 29.00
N LYS B 217 -11.68 -24.01 27.69
CA LYS B 217 -12.54 -24.84 26.85
C LYS B 217 -11.94 -26.23 26.61
N LYS B 218 -12.73 -27.26 26.91
CA LYS B 218 -12.34 -28.64 26.69
C LYS B 218 -12.57 -29.05 25.23
N VAL B 219 -11.54 -29.59 24.60
CA VAL B 219 -11.64 -30.08 23.22
C VAL B 219 -11.81 -31.60 23.23
N GLU B 220 -13.06 -32.03 22.99
CA GLU B 220 -13.39 -33.45 22.96
C GLU B 220 -13.75 -33.90 21.54
N PRO B 221 -13.37 -35.14 21.17
CA PRO B 221 -13.63 -35.68 19.83
C PRO B 221 -15.12 -35.85 19.52
N LYS B 222 -15.52 -35.43 18.32
CA LYS B 222 -16.89 -35.57 17.85
C LYS B 222 -17.10 -36.95 17.24
N SER C 2 1.51 12.63 -46.16
CA SER C 2 1.89 11.40 -46.91
C SER C 2 3.21 11.57 -47.66
N SER C 3 3.32 12.64 -48.45
CA SER C 3 4.43 12.80 -49.40
C SER C 3 5.36 13.96 -49.08
N PRO C 4 6.67 13.68 -48.97
CA PRO C 4 7.69 14.62 -48.56
C PRO C 4 7.87 15.77 -49.54
N SER C 5 7.35 16.94 -49.21
CA SER C 5 7.53 18.14 -50.05
C SER C 5 8.95 18.68 -49.94
N GLU C 6 9.70 18.60 -51.04
CA GLU C 6 11.05 19.18 -51.13
C GLU C 6 12.05 18.47 -50.23
N GLY C 7 11.92 17.15 -50.13
CA GLY C 7 12.79 16.36 -49.26
C GLY C 7 12.41 16.38 -47.79
N LEU C 8 11.46 17.27 -47.45
CA LEU C 8 11.03 17.53 -46.09
C LEU C 8 9.59 17.06 -45.83
N CYS C 9 9.33 16.60 -44.61
CA CYS C 9 7.98 16.30 -44.16
C CYS C 9 7.42 17.47 -43.36
N PRO C 10 6.09 17.65 -43.39
CA PRO C 10 5.37 18.70 -42.65
C PRO C 10 5.42 18.58 -41.12
N PRO C 11 5.20 19.71 -40.39
CA PRO C 11 5.10 19.63 -38.94
C PRO C 11 4.17 18.51 -38.51
N GLY C 12 4.50 17.87 -37.39
CA GLY C 12 3.74 16.75 -36.89
C GLY C 12 4.05 15.45 -37.63
N HIS C 13 5.15 15.46 -38.38
CA HIS C 13 5.62 14.28 -39.09
C HIS C 13 7.11 14.12 -39.07
N HIS C 14 7.57 12.87 -39.15
CA HIS C 14 8.97 12.55 -39.42
C HIS C 14 9.04 11.69 -40.67
N ILE C 15 10.02 11.97 -41.53
CA ILE C 15 10.19 11.22 -42.78
C ILE C 15 10.60 9.76 -42.50
N SER C 16 10.20 8.86 -43.39
CA SER C 16 10.51 7.43 -43.24
C SER C 16 11.97 7.15 -43.56
N GLU C 17 12.39 5.92 -43.28
CA GLU C 17 13.78 5.48 -43.47
C GLU C 17 14.24 5.59 -44.92
N ASP C 18 13.38 5.16 -45.85
CA ASP C 18 13.70 5.17 -47.28
C ASP C 18 13.77 6.58 -47.89
N GLY C 19 12.78 7.42 -47.57
CA GLY C 19 12.76 8.80 -48.01
C GLY C 19 11.51 9.17 -48.78
N ARG C 20 10.54 8.27 -48.78
CA ARG C 20 9.35 8.37 -49.63
C ARG C 20 8.07 8.73 -48.84
N ASP C 21 8.08 8.55 -47.52
CA ASP C 21 6.86 8.69 -46.72
C ASP C 21 6.96 9.67 -45.55
N CYS C 22 5.85 10.34 -45.25
CA CYS C 22 5.71 11.15 -44.05
C CYS C 22 4.91 10.43 -42.99
N ILE C 23 5.58 9.82 -42.04
CA ILE C 23 4.91 9.17 -40.92
C ILE C 23 4.52 10.24 -39.90
N SER C 24 3.31 10.15 -39.38
CA SER C 24 2.82 11.10 -38.39
C SER C 24 3.29 10.77 -36.97
N CYS C 25 3.53 11.83 -36.19
CA CYS C 25 3.91 11.72 -34.79
C CYS C 25 2.76 11.15 -33.97
N LYS C 26 3.09 10.38 -32.95
CA LYS C 26 2.05 9.83 -32.10
C LYS C 26 1.65 10.87 -31.05
N TYR C 27 0.35 11.23 -31.06
CA TYR C 27 -0.17 12.22 -30.13
C TYR C 27 -0.14 11.70 -28.70
N GLY C 28 0.43 12.50 -27.81
CA GLY C 28 0.65 12.13 -26.42
C GLY C 28 2.07 11.63 -26.19
N GLN C 29 2.65 11.01 -27.22
CA GLN C 29 3.97 10.40 -27.11
C GLN C 29 5.03 11.35 -27.59
N ASP C 30 4.98 11.75 -28.85
CA ASP C 30 6.05 12.57 -29.47
C ASP C 30 5.57 13.63 -30.45
N TYR C 31 6.43 14.60 -30.75
CA TYR C 31 6.04 15.77 -31.54
C TYR C 31 7.14 16.22 -32.50
N SER C 32 6.78 17.01 -33.51
CA SER C 32 7.77 17.81 -34.24
C SER C 32 7.19 19.17 -34.63
N THR C 33 7.97 20.23 -34.42
CA THR C 33 7.47 21.60 -34.58
C THR C 33 7.69 22.21 -35.94
N HIS C 34 8.61 21.65 -36.72
CA HIS C 34 9.07 22.30 -37.93
C HIS C 34 9.19 21.37 -39.10
N TRP C 35 9.15 21.96 -40.30
CA TRP C 35 9.36 21.20 -41.53
C TRP C 35 10.69 20.51 -41.49
N ASN C 36 10.66 19.18 -41.57
CA ASN C 36 11.81 18.37 -41.20
C ASN C 36 11.92 17.06 -41.96
N ASP C 37 13.13 16.54 -42.07
CA ASP C 37 13.35 15.22 -42.67
C ASP C 37 13.91 14.26 -41.66
N LEU C 38 13.44 14.37 -40.41
CA LEU C 38 13.99 13.60 -39.29
C LEU C 38 13.48 12.17 -39.27
N LEU C 39 14.20 11.30 -38.57
CA LEU C 39 13.87 9.86 -38.53
C LEU C 39 12.87 9.47 -37.44
N PHE C 40 12.70 10.35 -36.47
CA PHE C 40 11.73 10.20 -35.39
C PHE C 40 11.24 11.56 -34.96
N CYS C 41 10.08 11.57 -34.31
CA CYS C 41 9.59 12.75 -33.62
C CYS C 41 10.25 12.76 -32.24
N LEU C 42 10.44 13.95 -31.68
CA LEU C 42 10.99 14.11 -30.34
C LEU C 42 9.93 13.76 -29.31
N ARG C 43 10.31 13.06 -28.26
CA ARG C 43 9.35 12.66 -27.23
C ARG C 43 8.87 13.86 -26.45
N CYS C 44 7.63 13.79 -25.98
CA CYS C 44 7.04 14.87 -25.21
C CYS C 44 7.78 14.97 -23.88
N THR C 45 7.92 16.20 -23.40
CA THR C 45 8.38 16.50 -22.04
C THR C 45 7.33 16.01 -21.04
N ARG C 46 7.79 15.48 -19.91
CA ARG C 46 6.89 15.00 -18.88
C ARG C 46 7.01 16.00 -17.73
N CYS C 47 5.92 16.29 -17.03
CA CYS C 47 6.00 17.29 -15.97
C CYS C 47 6.63 16.75 -14.67
N ASP C 48 7.46 17.58 -14.04
CA ASP C 48 8.03 17.32 -12.70
C ASP C 48 7.03 17.62 -11.59
N SER C 49 7.44 17.44 -10.34
CA SER C 49 6.50 17.59 -9.26
C SER C 49 5.99 19.00 -9.23
N GLY C 50 6.89 19.96 -9.23
CA GLY C 50 6.48 21.33 -8.92
C GLY C 50 5.50 21.92 -9.90
N GLU C 51 5.05 21.11 -10.84
CA GLU C 51 4.52 21.62 -12.09
C GLU C 51 3.15 21.07 -12.48
N VAL C 52 2.45 21.79 -13.36
CA VAL C 52 1.22 21.30 -14.00
C VAL C 52 1.29 21.41 -15.51
N GLU C 53 0.35 20.76 -16.18
CA GLU C 53 0.41 20.64 -17.63
C GLU C 53 -0.46 21.72 -18.24
N LEU C 54 0.14 22.89 -18.49
CA LEU C 54 -0.62 24.01 -19.00
C LEU C 54 -1.20 23.66 -20.37
N SER C 55 -0.35 23.25 -21.31
CA SER C 55 -0.82 22.74 -22.60
C SER C 55 -0.34 21.31 -22.75
N PRO C 56 -1.26 20.37 -23.03
CA PRO C 56 -0.81 19.00 -23.23
C PRO C 56 0.01 18.94 -24.51
N CYS C 57 0.83 17.92 -24.64
CA CYS C 57 1.72 17.81 -25.78
C CYS C 57 0.98 17.28 -26.98
N THR C 58 0.91 18.09 -28.03
CA THR C 58 0.31 17.70 -29.29
C THR C 58 1.41 17.15 -30.21
N THR C 59 1.12 17.09 -31.51
CA THR C 59 2.08 16.58 -32.48
C THR C 59 2.95 17.68 -33.01
N THR C 60 2.37 18.87 -33.14
CA THR C 60 3.11 20.06 -33.56
C THR C 60 3.76 20.78 -32.39
N ARG C 61 3.30 20.48 -31.17
CA ARG C 61 3.73 21.21 -29.96
C ARG C 61 4.12 20.31 -28.78
N ASN C 62 5.25 20.63 -28.16
CA ASN C 62 5.66 19.95 -26.95
C ASN C 62 4.85 20.44 -25.76
N THR C 63 4.93 19.70 -24.65
CA THR C 63 4.14 19.97 -23.45
C THR C 63 4.66 21.17 -22.66
N VAL C 64 3.73 22.03 -22.23
CA VAL C 64 4.08 23.13 -21.35
C VAL C 64 3.75 22.77 -19.91
N CYS C 65 4.80 22.60 -19.11
CA CYS C 65 4.67 22.43 -17.67
C CYS C 65 4.81 23.77 -17.00
N GLN C 66 3.84 24.13 -16.17
CA GLN C 66 3.87 25.41 -15.48
C GLN C 66 4.08 25.22 -13.99
N CYS C 67 5.06 25.93 -13.42
CA CYS C 67 5.34 25.88 -11.99
C CYS C 67 4.11 26.20 -11.17
N GLU C 68 3.93 25.42 -10.11
CA GLU C 68 2.77 25.50 -9.24
C GLU C 68 2.71 26.78 -8.42
N GLU C 69 1.59 26.93 -7.73
CA GLU C 69 1.29 28.04 -6.85
C GLU C 69 2.39 28.24 -5.79
N GLY C 70 3.12 29.35 -5.92
CA GLY C 70 4.14 29.75 -4.95
C GLY C 70 5.59 29.58 -5.42
N THR C 71 5.77 29.35 -6.71
CA THR C 71 7.09 29.05 -7.28
C THR C 71 7.21 29.66 -8.67
N PHE C 72 8.33 29.41 -9.34
CA PHE C 72 8.63 29.96 -10.68
C PHE C 72 9.81 29.30 -11.37
N ARG C 73 9.84 29.42 -12.70
CA ARG C 73 10.99 29.07 -13.51
C ARG C 73 11.52 30.26 -14.31
N PRO C 78 15.21 26.38 -16.16
CA PRO C 78 14.56 25.29 -16.90
C PRO C 78 14.84 23.89 -16.31
N GLU C 79 15.17 23.83 -15.02
CA GLU C 79 15.53 22.57 -14.36
C GLU C 79 14.64 22.19 -13.15
N MET C 80 14.42 23.12 -12.23
CA MET C 80 13.48 22.94 -11.10
C MET C 80 12.82 24.26 -10.70
N CYS C 81 11.59 24.18 -10.22
CA CYS C 81 10.84 25.35 -9.78
C CYS C 81 11.50 25.93 -8.52
N ARG C 82 11.65 27.24 -8.49
CA ARG C 82 12.28 27.93 -7.37
C ARG C 82 11.22 28.60 -6.52
N LYS C 83 11.47 28.70 -5.21
CA LYS C 83 10.60 29.45 -4.32
C LYS C 83 10.77 30.98 -4.52
N CYS C 84 9.65 31.72 -4.54
CA CYS C 84 9.68 33.16 -4.81
C CYS C 84 10.38 33.93 -3.70
N ARG C 85 11.03 35.03 -4.08
CA ARG C 85 11.62 35.96 -3.11
C ARG C 85 10.47 36.66 -2.40
N THR C 86 10.43 36.50 -1.08
CA THR C 86 9.35 37.05 -0.25
C THR C 86 9.39 38.58 -0.20
N GLY C 87 10.55 39.14 0.10
CA GLY C 87 10.72 40.61 0.16
C GLY C 87 11.77 41.12 -0.80
N CYS C 88 11.83 42.43 -0.98
CA CYS C 88 12.83 43.06 -1.84
C CYS C 88 14.01 43.61 -1.03
N PRO C 89 15.22 43.65 -1.63
CA PRO C 89 16.36 44.36 -1.03
C PRO C 89 16.11 45.86 -0.96
N ARG C 90 16.82 46.55 -0.07
CA ARG C 90 16.62 47.98 0.16
C ARG C 90 16.87 48.85 -1.07
N GLY C 91 16.13 49.95 -1.16
CA GLY C 91 16.24 50.90 -2.27
C GLY C 91 15.61 50.43 -3.57
N MET C 92 14.89 49.31 -3.49
CA MET C 92 14.27 48.68 -4.66
C MET C 92 12.77 48.47 -4.46
N ASP C 97 5.68 41.17 -8.25
CA ASP C 97 4.84 39.98 -8.03
C ASP C 97 5.42 38.70 -8.64
N CYS C 98 5.47 37.64 -7.82
CA CYS C 98 5.93 36.32 -8.25
C CYS C 98 4.88 35.64 -9.14
N THR C 99 5.31 35.23 -10.33
CA THR C 99 4.43 34.54 -11.27
C THR C 99 4.93 33.10 -11.45
N PRO C 100 4.18 32.27 -12.20
CA PRO C 100 4.72 30.96 -12.54
C PRO C 100 5.91 30.96 -13.49
N TRP C 101 6.39 32.13 -13.92
CA TRP C 101 7.59 32.19 -14.76
C TRP C 101 8.49 33.36 -14.45
N SER C 102 8.19 34.09 -13.37
CA SER C 102 9.07 35.18 -12.92
C SER C 102 9.03 35.39 -11.42
N ASP C 103 10.18 35.78 -10.87
CA ASP C 103 10.29 36.12 -9.47
C ASP C 103 9.52 37.41 -9.23
N ILE C 104 9.67 37.99 -8.04
CA ILE C 104 9.19 39.33 -7.77
C ILE C 104 10.08 40.32 -8.53
N GLU C 105 9.49 41.40 -9.05
CA GLU C 105 10.32 42.47 -9.58
C GLU C 105 10.47 43.59 -8.54
N CYS C 106 11.71 44.03 -8.35
CA CYS C 106 12.06 45.08 -7.40
C CYS C 106 12.52 46.34 -8.13
#